data_3G30
#
_entry.id   3G30
#
_cell.length_a   41.803
_cell.length_b   41.803
_cell.length_c   230.542
_cell.angle_alpha   90.000
_cell.angle_beta   90.000
_cell.angle_gamma   120.000
#
_symmetry.space_group_name_H-M   'P 32 2 1'
#
loop_
_entity.id
_entity.type
_entity.pdbx_description
1 polymer 'Beta-lactamase CTX-M-9a'
2 non-polymer '(1S,2R)-2-[(2,5-difluorophenyl)carbamoyl]cyclopropanecarboxylic acid'
3 water water
#
_entity_poly.entity_id   1
_entity_poly.type   'polypeptide(L)'
_entity_poly.pdbx_seq_one_letter_code
;QTSAVQQKLAALEKSSGGRLGVALIDTADNTQVLYRGDERFPMCSTSKVMAAAAVLKQSETQKQLLNQPVEIKPADLVNY
NPIAEKHVNGTMTLAELSAAALQYSDNTAMNKLIAQLGGPGGVTAFARAIGDETFRLDRTEPTLNTAIPGDPRDTTTPRA
MAQTLRQLTLGHALGETQRAQLVTWLKGNTTGAASIRAGLPTSWTAGDKTGSGDYGTTNDIAVIWPQGRAPLVLVTYFTQ
PQQNAESRRDVLASAARIIAEGL
;
_entity_poly.pdbx_strand_id   A
#
# COMPACT_ATOMS: atom_id res chain seq x y z
N THR A 2 -15.54 21.30 -10.07
CA THR A 2 -15.43 19.94 -9.43
C THR A 2 -16.66 19.08 -9.70
N SER A 3 -16.42 17.80 -9.98
CA SER A 3 -17.47 16.82 -10.31
C SER A 3 -18.39 16.45 -9.13
N ALA A 4 -19.40 15.64 -9.42
CA ALA A 4 -20.26 15.07 -8.40
C ALA A 4 -19.48 14.22 -7.41
N VAL A 5 -18.63 13.33 -7.94
CA VAL A 5 -17.79 12.44 -7.15
C VAL A 5 -16.92 13.24 -6.18
N GLN A 6 -16.36 14.35 -6.65
CA GLN A 6 -15.52 15.20 -5.80
C GLN A 6 -16.33 15.88 -4.69
N GLN A 7 -17.54 16.30 -5.03
CA GLN A 7 -18.48 16.85 -4.05
C GLN A 7 -18.83 15.84 -2.94
N LYS A 8 -19.08 14.59 -3.33
CA LYS A 8 -19.38 13.53 -2.38
C LYS A 8 -18.15 13.16 -1.54
N LEU A 9 -16.97 13.14 -2.16
CA LEU A 9 -15.72 12.87 -1.41
C LEU A 9 -15.45 13.97 -0.39
N ALA A 10 -15.67 15.21 -0.81
CA ALA A 10 -15.50 16.33 0.09
C ALA A 10 -16.49 16.28 1.26
N ALA A 11 -17.73 15.81 1.00
CA ALA A 11 -18.73 15.76 2.05
C ALA A 11 -18.36 14.66 3.07
N LEU A 12 -17.87 13.55 2.55
CA LEU A 12 -17.39 12.43 3.32
C LEU A 12 -16.27 12.92 4.21
N GLU A 13 -15.33 13.67 3.61
CA GLU A 13 -14.15 14.16 4.31
C GLU A 13 -14.62 15.10 5.43
N LYS A 14 -15.55 16.02 5.13
CA LYS A 14 -16.11 16.93 6.16
C LYS A 14 -16.77 16.17 7.33
N SER A 15 -17.60 15.17 7.00
CA SER A 15 -18.21 14.30 8.03
C SER A 15 -17.20 13.60 8.94
N SER A 16 -16.02 13.27 8.42
CA SER A 16 -15.04 12.41 9.11
C SER A 16 -14.16 13.17 10.14
N GLY A 17 -14.01 14.47 9.95
CA GLY A 17 -13.09 15.24 10.80
C GLY A 17 -11.60 15.13 10.44
N GLY A 18 -11.27 14.48 9.33
CA GLY A 18 -9.84 14.33 8.98
C GLY A 18 -9.57 14.85 7.59
N ARG A 19 -8.48 14.35 6.99
CA ARG A 19 -8.01 14.74 5.67
C ARG A 19 -7.94 13.49 4.81
N LEU A 20 -8.63 13.53 3.65
CA LEU A 20 -8.81 12.39 2.76
C LEU A 20 -8.12 12.62 1.42
N GLY A 21 -7.41 11.62 0.92
CA GLY A 21 -6.76 11.67 -0.39
C GLY A 21 -7.18 10.46 -1.21
N VAL A 22 -7.63 10.69 -2.44
CA VAL A 22 -8.11 9.57 -3.25
C VAL A 22 -7.52 9.74 -4.65
N ALA A 23 -7.11 8.63 -5.26
CA ALA A 23 -6.79 8.59 -6.69
C ALA A 23 -7.27 7.31 -7.29
N LEU A 24 -8.02 7.48 -8.37
CA LEU A 24 -8.52 6.36 -9.11
C LEU A 24 -7.94 6.50 -10.52
N ILE A 25 -7.45 5.39 -11.07
CA ILE A 25 -7.12 5.33 -12.49
C ILE A 25 -7.98 4.25 -13.13
N ASP A 26 -8.77 4.64 -14.12
CA ASP A 26 -9.57 3.67 -14.88
C ASP A 26 -8.73 3.30 -16.11
N THR A 27 -8.32 2.04 -16.21
CA THR A 27 -7.42 1.66 -17.32
C THR A 27 -8.15 1.54 -18.68
N ALA A 28 -9.48 1.64 -18.67
CA ALA A 28 -10.26 1.77 -19.91
C ALA A 28 -9.85 2.99 -20.80
N ASP A 29 -9.99 4.20 -20.29
CA ASP A 29 -9.62 5.41 -21.03
C ASP A 29 -8.46 6.14 -20.38
N ASN A 30 -7.87 5.50 -19.35
CA ASN A 30 -6.84 6.09 -18.51
C ASN A 30 -7.23 7.42 -17.85
N THR A 31 -8.51 7.64 -17.61
CA THR A 31 -8.89 8.87 -16.92
C THR A 31 -8.65 8.66 -15.42
N GLN A 32 -8.47 9.78 -14.72
CA GLN A 32 -8.16 9.79 -13.29
C GLN A 32 -9.17 10.63 -12.58
N VAL A 33 -9.56 10.16 -11.41
CA VAL A 33 -10.38 10.94 -10.48
C VAL A 33 -9.48 11.17 -9.27
N LEU A 34 -9.35 12.43 -8.85
CA LEU A 34 -8.41 12.81 -7.83
C LEU A 34 -9.08 13.68 -6.80
N TYR A 35 -8.80 13.40 -5.53
CA TYR A 35 -9.18 14.25 -4.46
C TYR A 35 -7.96 14.43 -3.54
N ARG A 36 -7.48 15.67 -3.43
CA ARG A 36 -6.18 15.97 -2.78
C ARG A 36 -5.11 15.01 -3.33
N GLY A 37 -5.14 14.81 -4.64
CA GLY A 37 -4.35 13.82 -5.33
C GLY A 37 -2.87 14.17 -5.36
N ASP A 38 -2.56 15.43 -5.11
CA ASP A 38 -1.16 15.88 -5.02
C ASP A 38 -0.68 16.32 -3.65
N GLU A 39 -1.47 16.06 -2.61
CA GLU A 39 -1.03 16.33 -1.25
C GLU A 39 -0.27 15.14 -0.74
N ARG A 40 0.68 15.40 0.15
CA ARG A 40 1.47 14.35 0.78
CA ARG A 40 1.45 14.32 0.75
C ARG A 40 0.66 13.70 1.89
N PHE A 41 0.75 12.37 1.99
CA PHE A 41 0.15 11.63 3.11
C PHE A 41 1.20 10.62 3.61
N PRO A 42 1.17 10.34 4.92
CA PRO A 42 2.00 9.27 5.48
C PRO A 42 1.55 7.95 4.88
N MET A 43 2.50 7.18 4.35
CA MET A 43 2.17 5.90 3.67
C MET A 43 1.82 4.81 4.65
N CYS A 44 2.51 4.83 5.78
CA CYS A 44 2.46 3.74 6.73
C CYS A 44 2.71 2.45 5.99
N SER A 45 1.97 1.35 6.29
CA SER A 45 2.32 0.04 5.70
C SER A 45 2.11 -0.08 4.21
N THR A 46 1.47 0.94 3.58
CA THR A 46 1.31 0.91 2.10
C THR A 46 2.67 0.95 1.39
N SER A 47 3.70 1.47 2.06
CA SER A 47 5.04 1.50 1.54
C SER A 47 5.59 0.03 1.36
N LYS A 48 4.96 -0.92 2.02
CA LYS A 48 5.46 -2.32 1.98
C LYS A 48 5.39 -2.86 0.52
N VAL A 49 4.48 -2.29 -0.26
CA VAL A 49 4.34 -2.71 -1.66
C VAL A 49 5.62 -2.31 -2.45
N MET A 50 6.11 -1.09 -2.23
CA MET A 50 7.40 -0.68 -2.86
C MET A 50 8.59 -1.58 -2.47
N ALA A 51 8.76 -1.92 -1.18
CA ALA A 51 9.85 -2.77 -0.68
C ALA A 51 9.73 -4.18 -1.29
N ALA A 52 8.52 -4.75 -1.29
CA ALA A 52 8.33 -6.08 -1.87
C ALA A 52 8.61 -6.08 -3.38
N ALA A 53 8.08 -5.10 -4.09
CA ALA A 53 8.31 -4.94 -5.54
C ALA A 53 9.81 -4.83 -5.87
N ALA A 54 10.53 -4.07 -5.04
CA ALA A 54 11.97 -3.88 -5.25
C ALA A 54 12.75 -5.20 -5.13
N VAL A 55 12.41 -6.06 -4.14
CA VAL A 55 13.01 -7.40 -3.99
C VAL A 55 12.62 -8.31 -5.20
N LEU A 56 11.33 -8.28 -5.58
CA LEU A 56 10.90 -8.86 -6.88
C LEU A 56 11.80 -8.39 -8.05
N LYS A 57 11.96 -7.08 -8.25
CA LYS A 57 12.93 -6.58 -9.25
C LYS A 57 14.33 -7.25 -9.12
N GLN A 58 14.88 -7.34 -7.91
CA GLN A 58 16.17 -7.97 -7.76
C GLN A 58 16.17 -9.40 -8.28
N SER A 59 15.05 -10.10 -8.10
CA SER A 59 14.99 -11.53 -8.38
C SER A 59 14.96 -11.80 -9.89
N GLU A 60 14.75 -10.78 -10.69
CA GLU A 60 14.77 -10.97 -12.13
C GLU A 60 16.20 -11.24 -12.63
N THR A 61 17.20 -11.02 -11.78
CA THR A 61 18.58 -11.34 -12.16
C THR A 61 19.10 -12.41 -11.21
N GLN A 62 18.80 -12.21 -9.92
CA GLN A 62 19.11 -13.19 -8.89
C GLN A 62 17.99 -14.24 -8.82
N LYS A 63 18.04 -15.22 -9.72
CA LYS A 63 16.86 -16.02 -9.99
C LYS A 63 16.33 -16.83 -8.81
N GLN A 64 17.19 -17.21 -7.87
CA GLN A 64 16.66 -17.96 -6.74
CA GLN A 64 16.87 -17.99 -6.68
C GLN A 64 16.61 -17.09 -5.46
N LEU A 65 16.65 -15.77 -5.66
CA LEU A 65 16.67 -14.82 -4.50
C LEU A 65 15.54 -15.08 -3.50
N LEU A 66 14.34 -15.29 -4.04
CA LEU A 66 13.13 -15.45 -3.21
C LEU A 66 13.19 -16.66 -2.29
N ASN A 67 14.00 -17.65 -2.69
CA ASN A 67 14.20 -18.85 -1.89
C ASN A 67 15.31 -18.78 -0.86
N GLN A 68 16.02 -17.65 -0.81
CA GLN A 68 17.11 -17.45 0.14
C GLN A 68 16.60 -17.38 1.59
N PRO A 69 17.12 -18.23 2.49
CA PRO A 69 16.80 -18.12 3.92
C PRO A 69 17.42 -16.91 4.59
N VAL A 70 16.60 -16.24 5.38
CA VAL A 70 17.04 -15.09 6.15
C VAL A 70 16.73 -15.47 7.57
N GLU A 71 17.72 -15.34 8.43
CA GLU A 71 17.60 -15.55 9.86
C GLU A 71 16.61 -14.54 10.46
N ILE A 72 15.68 -15.04 11.29
CA ILE A 72 14.94 -14.19 12.24
C ILE A 72 15.52 -14.32 13.65
N LYS A 73 16.13 -13.22 14.08
CA LYS A 73 16.72 -13.11 15.38
C LYS A 73 15.77 -12.39 16.34
N PRO A 74 15.84 -12.75 17.63
CA PRO A 74 15.07 -12.02 18.63
C PRO A 74 15.25 -10.48 18.59
N ALA A 75 16.45 -10.00 18.26
CA ALA A 75 16.69 -8.56 18.23
C ALA A 75 16.03 -7.89 17.01
N ASP A 76 15.60 -8.70 16.04
CA ASP A 76 15.01 -8.17 14.79
C ASP A 76 13.57 -7.75 15.05
N LEU A 77 12.97 -8.35 16.06
CA LEU A 77 11.54 -8.22 16.25
C LEU A 77 11.15 -6.82 16.72
N VAL A 78 10.12 -6.25 16.10
CA VAL A 78 9.72 -4.88 16.44
C VAL A 78 8.30 -4.94 17.03
N ASN A 79 7.42 -3.99 16.70
CA ASN A 79 6.14 -3.85 17.46
C ASN A 79 5.02 -4.77 17.00
N TYR A 80 5.12 -5.34 15.79
CA TYR A 80 4.03 -6.08 15.20
C TYR A 80 4.57 -7.10 14.19
N ASN A 81 4.69 -8.34 14.67
CA ASN A 81 5.35 -9.39 13.90
C ASN A 81 4.55 -10.69 13.95
N PRO A 82 3.32 -10.67 13.41
CA PRO A 82 2.42 -11.83 13.42
C PRO A 82 3.07 -13.10 12.83
N ILE A 83 3.89 -12.94 11.79
CA ILE A 83 4.50 -14.09 11.10
C ILE A 83 5.92 -14.34 11.58
N ALA A 84 6.73 -13.27 11.70
CA ALA A 84 8.15 -13.44 12.03
C ALA A 84 8.37 -14.03 13.42
N GLU A 85 7.48 -13.70 14.37
CA GLU A 85 7.61 -14.24 15.71
C GLU A 85 7.47 -15.78 15.72
N LYS A 86 6.86 -16.33 14.68
CA LYS A 86 6.68 -17.78 14.50
C LYS A 86 7.97 -18.47 14.06
N HIS A 87 8.95 -17.67 13.60
CA HIS A 87 10.20 -18.20 13.05
C HIS A 87 11.47 -17.67 13.71
N VAL A 88 11.34 -17.16 14.93
CA VAL A 88 12.49 -16.71 15.73
C VAL A 88 13.43 -17.89 16.01
N ASN A 89 14.75 -17.62 15.94
CA ASN A 89 15.81 -18.66 15.98
C ASN A 89 15.69 -19.67 14.86
N GLY A 90 14.98 -19.25 13.82
CA GLY A 90 14.87 -19.98 12.58
C GLY A 90 15.13 -19.00 11.45
N THR A 91 14.68 -19.36 10.27
CA THR A 91 14.85 -18.57 9.08
C THR A 91 13.52 -18.56 8.34
N MET A 92 13.25 -17.44 7.65
CA MET A 92 12.21 -17.38 6.63
C MET A 92 12.85 -16.94 5.33
N THR A 93 12.26 -17.33 4.21
CA THR A 93 12.79 -16.96 2.90
C THR A 93 12.36 -15.53 2.52
N LEU A 94 13.03 -14.94 1.52
CA LEU A 94 12.60 -13.61 1.01
C LEU A 94 11.19 -13.64 0.41
N ALA A 95 10.76 -14.78 -0.13
CA ALA A 95 9.38 -14.97 -0.55
C ALA A 95 8.42 -14.94 0.65
N GLU A 96 8.78 -15.67 1.73
CA GLU A 96 7.91 -15.75 2.88
C GLU A 96 7.83 -14.38 3.60
N LEU A 97 8.94 -13.66 3.56
CA LEU A 97 9.05 -12.33 4.18
C LEU A 97 8.20 -11.34 3.42
N SER A 98 8.25 -11.38 2.09
CA SER A 98 7.47 -10.54 1.25
C SER A 98 5.96 -10.80 1.44
N ALA A 99 5.58 -12.09 1.45
CA ALA A 99 4.21 -12.48 1.78
C ALA A 99 3.76 -11.98 3.14
N ALA A 100 4.60 -12.13 4.15
CA ALA A 100 4.20 -11.78 5.50
C ALA A 100 3.99 -10.28 5.58
N ALA A 101 4.87 -9.53 4.89
CA ALA A 101 4.81 -8.07 4.91
C ALA A 101 3.54 -7.64 4.23
N LEU A 102 3.23 -8.19 3.05
CA LEU A 102 2.09 -7.75 2.31
C LEU A 102 0.78 -8.25 2.88
N GLN A 103 0.76 -9.51 3.30
CA GLN A 103 -0.52 -10.19 3.61
C GLN A 103 -0.94 -10.07 5.07
N TYR A 104 0.04 -9.90 5.96
CA TYR A 104 -0.23 -9.73 7.38
C TYR A 104 0.28 -8.39 7.92
N SER A 105 0.87 -7.59 7.02
CA SER A 105 1.45 -6.31 7.41
C SER A 105 2.54 -6.43 8.51
N ASP A 106 3.38 -7.47 8.40
CA ASP A 106 4.39 -7.77 9.39
C ASP A 106 5.54 -6.79 9.28
N ASN A 107 5.83 -6.07 10.36
CA ASN A 107 6.83 -5.01 10.38
C ASN A 107 8.27 -5.53 10.41
N THR A 108 8.47 -6.68 11.05
CA THR A 108 9.78 -7.28 11.08
C THR A 108 10.11 -7.73 9.65
N ALA A 109 9.12 -8.32 8.96
CA ALA A 109 9.27 -8.70 7.55
C ALA A 109 9.67 -7.51 6.70
N MET A 110 8.99 -6.39 6.90
CA MET A 110 9.33 -5.19 6.12
C MET A 110 10.76 -4.75 6.40
N ASN A 111 11.15 -4.73 7.66
CA ASN A 111 12.54 -4.39 7.96
C ASN A 111 13.59 -5.30 7.29
N LYS A 112 13.29 -6.59 7.17
CA LYS A 112 14.16 -7.46 6.38
C LYS A 112 14.25 -7.06 4.93
N LEU A 113 13.13 -6.68 4.32
CA LEU A 113 13.09 -6.21 2.93
C LEU A 113 13.89 -4.91 2.77
N ILE A 114 13.71 -3.99 3.72
CA ILE A 114 14.53 -2.76 3.70
C ILE A 114 16.03 -3.07 3.76
N ALA A 115 16.43 -4.00 4.64
CA ALA A 115 17.85 -4.36 4.81
C ALA A 115 18.39 -4.96 3.50
N GLN A 116 17.54 -5.73 2.81
CA GLN A 116 17.91 -6.41 1.59
C GLN A 116 18.15 -5.38 0.50
N LEU A 117 17.49 -4.24 0.61
CA LEU A 117 17.68 -3.15 -0.35
C LEU A 117 18.73 -2.06 0.06
N GLY A 118 19.37 -2.25 1.19
CA GLY A 118 20.47 -1.33 1.61
C GLY A 118 19.94 -0.11 2.39
N GLY A 119 18.73 -0.24 2.94
CA GLY A 119 18.10 0.84 3.72
C GLY A 119 16.93 1.55 3.06
N PRO A 120 16.29 2.50 3.78
CA PRO A 120 15.14 3.19 3.18
C PRO A 120 15.49 3.90 1.86
N GLY A 121 16.73 4.37 1.73
CA GLY A 121 17.22 4.92 0.45
C GLY A 121 17.17 3.95 -0.73
N GLY A 122 17.28 2.66 -0.44
CA GLY A 122 17.32 1.58 -1.48
C GLY A 122 15.91 1.31 -1.96
N VAL A 123 14.93 1.46 -1.06
CA VAL A 123 13.52 1.34 -1.43
C VAL A 123 13.15 2.55 -2.28
N THR A 124 13.61 3.73 -1.86
CA THR A 124 13.33 4.94 -2.63
C THR A 124 14.01 4.83 -4.01
N ALA A 125 15.18 4.20 -4.07
CA ALA A 125 15.89 3.97 -5.33
C ALA A 125 15.00 3.23 -6.34
N PHE A 126 14.30 2.20 -5.87
CA PHE A 126 13.40 1.46 -6.76
C PHE A 126 12.28 2.36 -7.32
N ALA A 127 11.62 3.13 -6.46
CA ALA A 127 10.61 4.11 -6.91
C ALA A 127 11.16 4.98 -8.04
N ARG A 128 12.33 5.54 -7.79
CA ARG A 128 12.98 6.35 -8.82
C ARG A 128 13.27 5.56 -10.11
N ALA A 129 13.69 4.31 -9.97
CA ALA A 129 14.01 3.42 -11.11
C ALA A 129 12.77 3.16 -11.96
N ILE A 130 11.58 3.24 -11.36
CA ILE A 130 10.35 3.02 -12.13
C ILE A 130 9.59 4.33 -12.46
N GLY A 131 10.22 5.50 -12.26
CA GLY A 131 9.64 6.79 -12.58
C GLY A 131 8.85 7.53 -11.50
N ASP A 132 8.70 6.91 -10.34
CA ASP A 132 8.03 7.57 -9.24
C ASP A 132 9.01 8.50 -8.53
N GLU A 133 8.79 9.79 -8.67
CA GLU A 133 9.68 10.79 -8.17
C GLU A 133 9.13 11.43 -6.91
N THR A 134 8.03 10.87 -6.42
CA THR A 134 7.25 11.47 -5.34
C THR A 134 7.43 10.66 -4.04
N PHE A 135 7.39 9.33 -4.14
CA PHE A 135 7.59 8.43 -3.02
C PHE A 135 8.91 8.70 -2.30
N ARG A 136 8.88 8.80 -0.97
CA ARG A 136 10.15 8.82 -0.24
C ARG A 136 10.00 7.94 0.99
N LEU A 137 10.92 7.04 1.19
CA LEU A 137 10.95 6.26 2.39
C LEU A 137 12.21 6.68 3.11
N ASP A 138 12.10 6.97 4.40
CA ASP A 138 13.13 7.68 5.18
C ASP A 138 13.55 6.90 6.42
N ARG A 139 12.60 6.12 6.95
CA ARG A 139 12.79 5.38 8.16
C ARG A 139 12.39 3.93 7.97
N THR A 140 12.76 3.12 8.96
CA THR A 140 12.39 1.73 9.02
C THR A 140 11.13 1.59 9.89
N GLU A 141 10.70 0.34 10.13
CA GLU A 141 9.57 0.06 11.03
C GLU A 141 10.09 0.03 12.46
N PRO A 142 9.32 0.55 13.45
CA PRO A 142 7.98 1.08 13.32
C PRO A 142 7.95 2.63 13.19
N THR A 143 9.10 3.31 13.24
CA THR A 143 9.05 4.81 13.32
C THR A 143 8.49 5.46 12.05
N LEU A 144 8.47 4.73 10.93
CA LEU A 144 7.95 5.32 9.65
C LEU A 144 6.45 5.63 9.76
N ASN A 145 5.82 5.18 10.85
CA ASN A 145 4.36 5.32 11.03
C ASN A 145 3.96 6.47 11.95
N THR A 146 4.90 7.32 12.32
CA THR A 146 4.63 8.45 13.25
C THR A 146 3.62 9.43 12.68
N ALA A 147 3.59 9.55 11.33
CA ALA A 147 2.50 10.19 10.59
C ALA A 147 2.25 11.63 11.12
N ILE A 148 3.33 12.34 11.37
CA ILE A 148 3.23 13.65 12.05
C ILE A 148 2.73 14.68 11.03
N PRO A 149 1.69 15.49 11.37
CA PRO A 149 1.20 16.47 10.42
C PRO A 149 2.31 17.36 9.91
N GLY A 150 2.40 17.48 8.59
CA GLY A 150 3.42 18.25 7.88
C GLY A 150 4.78 17.61 7.65
N ASP A 151 5.04 16.48 8.34
CA ASP A 151 6.33 15.83 8.22
C ASP A 151 6.44 15.21 6.82
N PRO A 152 7.44 15.61 6.00
CA PRO A 152 7.49 14.99 4.64
C PRO A 152 8.03 13.56 4.63
N ARG A 153 8.63 13.11 5.75
CA ARG A 153 9.22 11.75 5.75
C ARG A 153 8.20 10.64 5.50
N ASP A 154 8.60 9.67 4.70
CA ASP A 154 7.76 8.45 4.50
C ASP A 154 6.36 8.78 3.98
N THR A 155 6.33 9.71 3.01
CA THR A 155 5.06 10.12 2.40
C THR A 155 5.06 9.90 0.89
N THR A 156 3.86 9.86 0.33
CA THR A 156 3.72 9.97 -1.10
C THR A 156 2.40 10.68 -1.40
N THR A 157 2.06 10.87 -2.66
CA THR A 157 0.78 11.49 -2.95
C THR A 157 -0.17 10.41 -3.50
N PRO A 158 -1.50 10.58 -3.35
CA PRO A 158 -2.40 9.60 -3.96
C PRO A 158 -2.16 9.43 -5.47
N ARG A 159 -1.94 10.51 -6.22
CA ARG A 159 -1.67 10.38 -7.68
C ARG A 159 -0.45 9.51 -7.97
N ALA A 160 0.67 9.75 -7.25
CA ALA A 160 1.90 8.98 -7.50
C ALA A 160 1.76 7.51 -7.16
N MET A 161 1.11 7.22 -6.01
CA MET A 161 0.99 5.83 -5.57
C MET A 161 0.07 5.04 -6.48
N ALA A 162 -0.99 5.68 -6.98
CA ALA A 162 -1.89 5.02 -7.96
C ALA A 162 -1.13 4.68 -9.24
N GLN A 163 -0.33 5.64 -9.71
CA GLN A 163 0.41 5.46 -10.98
C GLN A 163 1.43 4.33 -10.82
N THR A 164 2.15 4.35 -9.70
CA THR A 164 3.06 3.29 -9.34
C THR A 164 2.40 1.94 -9.20
N LEU A 165 1.28 1.84 -8.47
CA LEU A 165 0.66 0.54 -8.23
C LEU A 165 0.22 -0.01 -9.59
N ARG A 166 -0.31 0.87 -10.41
CA ARG A 166 -0.69 0.47 -11.79
C ARG A 166 0.48 -0.17 -12.56
N GLN A 167 1.60 0.55 -12.64
CA GLN A 167 2.84 0.05 -13.28
C GLN A 167 3.34 -1.25 -12.74
N LEU A 168 3.24 -1.43 -11.42
CA LEU A 168 3.68 -2.67 -10.82
C LEU A 168 2.80 -3.89 -11.07
N THR A 169 1.48 -3.73 -11.02
CA THR A 169 0.53 -4.84 -11.02
C THR A 169 -0.11 -5.05 -12.38
N LEU A 170 -0.24 -3.97 -13.16
CA LEU A 170 -0.83 -4.03 -14.49
C LEU A 170 0.14 -3.71 -15.62
N GLY A 171 1.11 -2.85 -15.32
CA GLY A 171 2.12 -2.41 -16.28
C GLY A 171 3.24 -3.41 -16.34
N HIS A 172 4.42 -2.94 -16.73
CA HIS A 172 5.56 -3.84 -16.93
C HIS A 172 6.78 -3.26 -16.21
N ALA A 173 6.58 -2.65 -15.05
CA ALA A 173 7.72 -2.28 -14.21
C ALA A 173 8.47 -3.52 -13.71
N LEU A 174 7.78 -4.64 -13.62
CA LEU A 174 8.39 -5.88 -13.17
C LEU A 174 8.40 -6.90 -14.34
N GLY A 175 9.23 -7.93 -14.22
CA GLY A 175 9.10 -9.13 -15.10
C GLY A 175 7.77 -9.86 -14.87
N GLU A 176 7.36 -10.68 -15.85
CA GLU A 176 6.02 -11.24 -15.80
C GLU A 176 5.85 -12.15 -14.62
N THR A 177 6.87 -12.95 -14.34
CA THR A 177 6.84 -13.85 -13.22
C THR A 177 6.63 -13.02 -11.94
N GLN A 178 7.39 -11.93 -11.83
CA GLN A 178 7.37 -11.05 -10.64
C GLN A 178 6.01 -10.36 -10.45
N ARG A 179 5.49 -9.74 -11.51
CA ARG A 179 4.17 -9.08 -11.51
C ARG A 179 3.08 -10.03 -11.02
N ALA A 180 3.10 -11.25 -11.58
CA ALA A 180 2.09 -12.22 -11.25
C ALA A 180 2.22 -12.62 -9.79
N GLN A 181 3.45 -12.69 -9.27
CA GLN A 181 3.68 -13.01 -7.86
C GLN A 181 3.08 -11.90 -6.99
N LEU A 182 3.28 -10.66 -7.42
CA LEU A 182 2.82 -9.47 -6.65
C LEU A 182 1.29 -9.45 -6.64
N VAL A 183 0.70 -9.67 -7.81
CA VAL A 183 -0.77 -9.74 -7.91
C VAL A 183 -1.31 -10.86 -7.02
N THR A 184 -0.68 -12.04 -7.03
CA THR A 184 -1.09 -13.12 -6.15
C THR A 184 -1.03 -12.70 -4.69
N TRP A 185 0.09 -12.08 -4.33
CA TRP A 185 0.31 -11.74 -2.94
C TRP A 185 -0.78 -10.76 -2.48
N LEU A 186 -1.08 -9.77 -3.30
CA LEU A 186 -2.01 -8.68 -2.95
C LEU A 186 -3.42 -9.26 -2.87
N LYS A 187 -3.74 -10.16 -3.82
CA LYS A 187 -5.04 -10.83 -3.80
CA LYS A 187 -5.03 -10.86 -3.79
C LYS A 187 -5.27 -11.62 -2.49
N GLY A 188 -4.21 -12.10 -1.85
CA GLY A 188 -4.34 -12.86 -0.62
C GLY A 188 -4.12 -12.08 0.68
N ASN A 189 -4.15 -10.76 0.59
CA ASN A 189 -4.10 -9.94 1.80
C ASN A 189 -5.14 -10.35 2.89
N THR A 190 -4.74 -10.41 4.16
CA THR A 190 -5.69 -10.73 5.22
C THR A 190 -6.27 -9.48 5.93
N THR A 191 -5.78 -8.29 5.62
CA THR A 191 -6.02 -7.13 6.52
C THR A 191 -7.01 -6.10 5.95
N GLY A 192 -7.61 -6.42 4.80
CA GLY A 192 -8.27 -5.42 3.99
C GLY A 192 -9.78 -5.48 3.96
N ALA A 193 -10.39 -6.39 4.73
CA ALA A 193 -11.82 -6.65 4.50
C ALA A 193 -12.74 -5.47 4.87
N ALA A 194 -12.29 -4.62 5.81
CA ALA A 194 -13.10 -3.44 6.24
C ALA A 194 -12.76 -2.15 5.47
N SER A 195 -11.75 -2.21 4.60
CA SER A 195 -11.27 -1.03 3.90
C SER A 195 -11.86 -0.88 2.50
N ILE A 196 -11.03 -0.68 1.48
CA ILE A 196 -11.54 -0.45 0.09
C ILE A 196 -12.53 -1.55 -0.33
N ARG A 197 -12.16 -2.81 -0.01
CA ARG A 197 -12.94 -3.99 -0.41
CA ARG A 197 -12.95 -3.97 -0.43
C ARG A 197 -14.37 -3.86 0.09
N ALA A 198 -14.54 -3.33 1.32
CA ALA A 198 -15.91 -3.22 1.90
C ALA A 198 -16.87 -2.30 1.12
N GLY A 199 -16.33 -1.39 0.30
CA GLY A 199 -17.12 -0.47 -0.53
C GLY A 199 -17.36 -0.92 -1.96
N LEU A 200 -16.95 -2.14 -2.29
CA LEU A 200 -16.96 -2.55 -3.69
C LEU A 200 -18.02 -3.57 -3.94
N PRO A 201 -18.62 -3.56 -5.16
CA PRO A 201 -19.53 -4.62 -5.59
C PRO A 201 -18.88 -5.95 -5.28
N THR A 202 -19.68 -6.90 -4.79
CA THR A 202 -19.14 -8.08 -4.09
C THR A 202 -18.53 -9.09 -5.06
N SER A 203 -18.75 -8.87 -6.34
CA SER A 203 -18.30 -9.78 -7.37
C SER A 203 -17.02 -9.27 -8.07
N TRP A 204 -16.47 -8.16 -7.57
CA TRP A 204 -15.18 -7.63 -8.05
C TRP A 204 -14.04 -8.40 -7.37
N THR A 205 -12.94 -8.63 -8.09
CA THR A 205 -11.74 -9.18 -7.46
C THR A 205 -10.86 -7.98 -7.21
N ALA A 206 -10.24 -7.98 -6.05
CA ALA A 206 -9.31 -6.91 -5.70
C ALA A 206 -8.10 -7.50 -5.00
N GLY A 207 -6.95 -6.86 -5.13
CA GLY A 207 -5.82 -7.15 -4.24
C GLY A 207 -5.53 -5.80 -3.58
N ASP A 208 -5.04 -5.83 -2.36
CA ASP A 208 -4.79 -4.53 -1.71
C ASP A 208 -3.71 -4.63 -0.66
N LYS A 209 -3.24 -3.43 -0.22
CA LYS A 209 -2.38 -3.36 0.93
C LYS A 209 -2.88 -2.18 1.75
N THR A 210 -3.16 -2.46 3.03
CA THR A 210 -3.61 -1.44 3.99
C THR A 210 -2.43 -0.82 4.70
N GLY A 211 -2.71 0.24 5.47
CA GLY A 211 -1.70 0.74 6.39
C GLY A 211 -2.37 1.58 7.46
N SER A 212 -1.82 1.52 8.65
CA SER A 212 -2.32 2.34 9.73
CA SER A 212 -2.32 2.32 9.76
C SER A 212 -1.13 2.94 10.51
N GLY A 213 -1.37 4.07 11.18
CA GLY A 213 -0.30 4.71 11.95
C GLY A 213 -0.87 5.67 12.98
N ASP A 214 -0.01 6.50 13.56
CA ASP A 214 -0.48 7.48 14.53
C ASP A 214 -1.31 8.55 13.78
N TYR A 215 -1.86 9.53 14.52
CA TYR A 215 -2.82 10.48 13.94
C TYR A 215 -3.98 9.76 13.22
N GLY A 216 -4.38 8.59 13.74
CA GLY A 216 -5.49 7.79 13.18
C GLY A 216 -5.36 7.56 11.67
N THR A 217 -4.12 7.48 11.23
CA THR A 217 -3.85 7.37 9.79
C THR A 217 -4.36 6.01 9.37
N THR A 218 -5.13 6.01 8.28
CA THR A 218 -5.86 4.79 7.82
C THR A 218 -5.80 4.79 6.30
N ASN A 219 -5.08 3.83 5.73
CA ASN A 219 -4.75 3.85 4.29
C ASN A 219 -5.12 2.51 3.63
N ASP A 220 -5.37 2.56 2.32
CA ASP A 220 -5.47 1.34 1.51
C ASP A 220 -5.14 1.67 0.08
N ILE A 221 -4.49 0.74 -0.61
CA ILE A 221 -4.21 0.88 -2.02
C ILE A 221 -4.60 -0.47 -2.63
N ALA A 222 -5.32 -0.41 -3.75
CA ALA A 222 -5.90 -1.62 -4.34
C ALA A 222 -5.83 -1.57 -5.85
N VAL A 223 -5.63 -2.75 -6.42
CA VAL A 223 -5.92 -2.97 -7.84
C VAL A 223 -7.19 -3.81 -7.87
N ILE A 224 -8.11 -3.39 -8.71
CA ILE A 224 -9.45 -3.92 -8.78
C ILE A 224 -9.74 -4.40 -10.21
N TRP A 225 -10.35 -5.58 -10.29
CA TRP A 225 -10.80 -6.18 -11.54
C TRP A 225 -12.31 -6.45 -11.45
N PRO A 226 -13.10 -5.53 -12.01
CA PRO A 226 -14.55 -5.75 -12.16
C PRO A 226 -14.77 -6.87 -13.20
N GLN A 227 -15.98 -7.01 -13.74
CA GLN A 227 -16.19 -8.01 -14.82
C GLN A 227 -16.73 -7.36 -16.07
N GLY A 228 -16.13 -7.68 -17.21
CA GLY A 228 -16.48 -7.04 -18.47
C GLY A 228 -16.20 -5.55 -18.55
N ARG A 229 -15.31 -5.06 -17.68
CA ARG A 229 -14.69 -3.76 -17.87
C ARG A 229 -13.22 -3.83 -17.41
N ALA A 230 -12.38 -2.94 -17.93
CA ALA A 230 -10.94 -2.90 -17.62
C ALA A 230 -10.70 -2.63 -16.12
N PRO A 231 -9.63 -3.25 -15.56
CA PRO A 231 -9.22 -3.05 -14.16
C PRO A 231 -9.06 -1.59 -13.76
N LEU A 232 -9.11 -1.37 -12.44
CA LEU A 232 -8.95 -0.04 -11.88
C LEU A 232 -7.87 -0.11 -10.81
N VAL A 233 -7.28 1.03 -10.51
CA VAL A 233 -6.39 1.13 -9.34
C VAL A 233 -6.98 2.21 -8.50
N LEU A 234 -7.13 1.96 -7.20
CA LEU A 234 -7.66 2.98 -6.33
C LEU A 234 -6.80 3.15 -5.09
N VAL A 235 -6.46 4.39 -4.79
CA VAL A 235 -5.75 4.76 -3.56
C VAL A 235 -6.65 5.64 -2.72
N THR A 236 -6.72 5.30 -1.42
CA THR A 236 -7.49 6.02 -0.43
C THR A 236 -6.57 6.15 0.79
N TYR A 237 -6.20 7.39 1.09
CA TYR A 237 -5.35 7.70 2.23
C TYR A 237 -6.16 8.63 3.15
N PHE A 238 -6.01 8.47 4.46
CA PHE A 238 -6.81 9.24 5.38
C PHE A 238 -6.00 9.45 6.66
N THR A 239 -5.95 10.68 7.12
CA THR A 239 -5.27 10.98 8.37
C THR A 239 -5.98 12.08 9.17
N GLN A 240 -5.70 12.15 10.46
CA GLN A 240 -6.58 12.93 11.34
C GLN A 240 -5.80 13.89 12.23
N PRO A 241 -6.47 14.86 12.85
CA PRO A 241 -5.67 15.86 13.62
C PRO A 241 -5.13 15.40 15.00
N GLN A 242 -5.78 14.45 15.62
CA GLN A 242 -5.42 14.05 17.00
C GLN A 242 -4.41 12.93 16.91
N GLN A 243 -3.31 13.05 17.63
CA GLN A 243 -2.29 11.98 17.62
C GLN A 243 -2.83 10.59 18.00
N ASN A 244 -3.76 10.54 18.95
CA ASN A 244 -4.33 9.26 19.36
C ASN A 244 -5.68 8.96 18.72
N ALA A 245 -6.00 9.60 17.59
CA ALA A 245 -7.26 9.30 16.91
C ALA A 245 -7.38 7.80 16.51
N GLU A 246 -8.61 7.28 16.56
CA GLU A 246 -8.84 5.88 16.28
C GLU A 246 -8.84 5.66 14.77
N SER A 247 -8.61 4.43 14.33
CA SER A 247 -8.69 4.07 12.89
CA SER A 247 -8.67 4.11 12.89
C SER A 247 -10.07 4.28 12.28
N ARG A 248 -10.13 4.70 11.02
CA ARG A 248 -11.39 4.88 10.35
C ARG A 248 -11.37 4.16 9.01
N ARG A 249 -11.31 2.83 9.04
CA ARG A 249 -11.37 2.04 7.81
C ARG A 249 -12.68 2.28 7.08
N ASP A 250 -13.74 2.57 7.81
CA ASP A 250 -15.02 2.87 7.24
C ASP A 250 -14.97 4.06 6.25
N VAL A 251 -14.15 5.08 6.52
CA VAL A 251 -13.97 6.19 5.59
C VAL A 251 -13.45 5.73 4.19
N LEU A 252 -12.53 4.78 4.20
CA LEU A 252 -11.92 4.26 2.99
C LEU A 252 -12.97 3.44 2.23
N ALA A 253 -13.71 2.61 2.96
CA ALA A 253 -14.85 1.86 2.38
C ALA A 253 -15.81 2.82 1.71
N SER A 254 -16.09 3.94 2.37
CA SER A 254 -17.08 4.88 1.84
CA SER A 254 -17.08 4.90 1.85
C SER A 254 -16.55 5.67 0.63
N ALA A 255 -15.27 5.98 0.65
CA ALA A 255 -14.65 6.65 -0.52
C ALA A 255 -14.74 5.73 -1.73
N ALA A 256 -14.48 4.44 -1.52
CA ALA A 256 -14.49 3.44 -2.57
C ALA A 256 -15.91 3.19 -3.10
N ARG A 257 -16.91 3.19 -2.21
CA ARG A 257 -18.32 3.14 -2.62
C ARG A 257 -18.67 4.34 -3.50
N ILE A 258 -18.24 5.55 -3.10
CA ILE A 258 -18.50 6.77 -3.87
C ILE A 258 -17.87 6.68 -5.28
N ILE A 259 -16.60 6.30 -5.34
CA ILE A 259 -15.92 6.00 -6.63
C ILE A 259 -16.62 4.89 -7.46
N ALA A 260 -16.98 3.79 -6.80
CA ALA A 260 -17.61 2.65 -7.50
C ALA A 260 -18.95 3.05 -8.14
N GLU A 261 -19.68 3.92 -7.45
CA GLU A 261 -20.96 4.46 -7.92
CA GLU A 261 -20.95 4.45 -7.93
C GLU A 261 -20.73 5.50 -9.02
N GLY A 262 -19.60 6.21 -8.90
CA GLY A 262 -19.27 7.28 -9.84
C GLY A 262 -18.72 6.83 -11.18
N LEU A 263 -18.56 5.52 -11.38
CA LEU A 263 -18.01 4.96 -12.63
C LEU A 263 -19.09 4.89 -13.69
#